data_8E4S
#
_entry.id   8E4S
#
_cell.length_a   90.085
_cell.length_b   90.085
_cell.length_c   135.237
_cell.angle_alpha   90.000
_cell.angle_beta   90.000
_cell.angle_gamma   90.000
#
_symmetry.space_group_name_H-M   'I 4 2 2'
#
loop_
_entity.id
_entity.type
_entity.pdbx_description
1 polymer 'Polymerase acidic protein'
2 non-polymer 'MANGANESE (II) ION'
3 non-polymer 5-hydroxy-6-oxo-N-[2-(pyridin-4-yl)ethyl]-2-{[2-(trifluoromethyl)phenyl]methyl}-3,6-dihydropyrimidine-4-carboxamide
4 non-polymer 'Hexa Vinylpyrrolidone K15'
5 non-polymer 'SULFATE ION'
6 water water
#
_entity_poly.entity_id   1
_entity_poly.type   'polypeptide(L)'
_entity_poly.pdbx_seq_one_letter_code
;MGSSHHHHHHSSGLVPRGSHMEDFVRQCFNPMIVELAEKAMKEYGEDPKIETNKFAATCTHLEVCFMYSDGGSKHRFEII
EGRDRIMAWTVVNSICNTTGVEKPKFLPDLYDYKENRFIEIGVTRREVHIYYLEKANKIKSEKTHIHIFSFTGEEMATKA
DYTLDEESRARIKTRLFTIRQEMASRSLWDSFRQSER
;
_entity_poly.pdbx_strand_id   A
#
loop_
_chem_comp.id
_chem_comp.type
_chem_comp.name
_chem_comp.formula
MN non-polymer 'MANGANESE (II) ION' 'Mn 2'
QQ4 non-polymer 'Hexa Vinylpyrrolidone K15' 'C36 H56 N6 O6'
SO4 non-polymer 'SULFATE ION' 'O4 S -2'
U9U non-polymer 5-hydroxy-6-oxo-N-[2-(pyridin-4-yl)ethyl]-2-{[2-(trifluoromethyl)phenyl]methyl}-3,6-dihydropyrimidine-4-carboxamide 'C20 H17 F3 N4 O3'
#
# COMPACT_ATOMS: atom_id res chain seq x y z
N ARG A 17 24.83 -4.64 0.03
CA ARG A 17 25.29 -4.53 -1.35
C ARG A 17 25.42 -5.91 -2.00
N GLY A 18 24.71 -6.10 -3.12
CA GLY A 18 24.80 -7.32 -3.89
C GLY A 18 23.64 -8.28 -3.76
N SER A 19 22.57 -7.89 -3.09
CA SER A 19 21.49 -8.82 -2.80
C SER A 19 20.69 -9.16 -4.05
N HIS A 20 20.29 -10.44 -4.14
CA HIS A 20 19.36 -10.85 -5.19
C HIS A 20 18.01 -10.15 -5.06
N MET A 21 17.59 -9.85 -3.82
CA MET A 21 16.29 -9.21 -3.61
C MET A 21 16.25 -7.83 -4.26
N GLU A 22 17.32 -7.06 -4.11
CA GLU A 22 17.35 -5.71 -4.67
C GLU A 22 17.24 -5.75 -6.20
N ASP A 23 18.02 -6.62 -6.83
CA ASP A 23 17.98 -6.72 -8.29
C ASP A 23 16.61 -7.20 -8.76
N PHE A 24 16.04 -8.20 -8.08
CA PHE A 24 14.70 -8.65 -8.46
C PHE A 24 13.68 -7.54 -8.29
N VAL A 25 13.79 -6.76 -7.22
CA VAL A 25 12.84 -5.67 -6.99
C VAL A 25 12.92 -4.67 -8.13
N ARG A 26 14.13 -4.20 -8.43
CA ARG A 26 14.29 -3.23 -9.50
C ARG A 26 13.88 -3.79 -10.85
N GLN A 27 13.84 -5.12 -10.99
CA GLN A 27 13.41 -5.72 -12.24
C GLN A 27 11.91 -5.95 -12.33
N CYS A 28 11.29 -6.30 -11.21
CA CYS A 28 9.90 -6.72 -11.18
C CYS A 28 8.95 -5.53 -11.16
N PHE A 29 9.40 -4.39 -10.67
CA PHE A 29 8.56 -3.22 -10.53
C PHE A 29 8.99 -2.14 -11.52
N ASN A 30 8.12 -1.18 -11.70
CA ASN A 30 8.23 -0.12 -12.68
C ASN A 30 9.20 0.95 -12.18
N PRO A 31 9.98 1.56 -13.09
CA PRO A 31 11.02 2.52 -12.65
C PRO A 31 10.50 3.68 -11.81
N MET A 32 9.33 4.24 -12.14
CA MET A 32 8.79 5.32 -11.31
C MET A 32 8.47 4.80 -9.90
N ILE A 33 7.91 3.60 -9.80
CA ILE A 33 7.59 3.03 -8.50
C ILE A 33 8.86 2.75 -7.70
N VAL A 34 9.90 2.24 -8.37
CA VAL A 34 11.16 1.99 -7.69
C VAL A 34 11.76 3.31 -7.18
N GLU A 35 11.72 4.36 -8.01
CA GLU A 35 12.26 5.64 -7.59
C GLU A 35 11.50 6.21 -6.41
N LEU A 36 10.17 6.11 -6.43
CA LEU A 36 9.37 6.61 -5.31
C LEU A 36 9.64 5.83 -4.03
N ALA A 37 9.74 4.50 -4.13
CA ALA A 37 10.03 3.68 -2.97
C ALA A 37 11.41 4.01 -2.40
N GLU A 38 12.38 4.22 -3.28
CA GLU A 38 13.73 4.59 -2.83
C GLU A 38 13.71 5.92 -2.09
N LYS A 39 13.05 6.92 -2.67
CA LYS A 39 12.97 8.22 -2.02
C LYS A 39 12.29 8.12 -0.67
N ALA A 40 11.25 7.30 -0.56
CA ALA A 40 10.56 7.13 0.72
C ALA A 40 11.48 6.49 1.76
N MET A 41 12.13 5.37 1.41
CA MET A 41 12.99 4.71 2.38
C MET A 41 14.13 5.60 2.82
N LYS A 42 14.75 6.34 1.89
CA LYS A 42 15.80 7.27 2.27
C LYS A 42 15.26 8.39 3.14
N GLU A 43 14.05 8.87 2.84
CA GLU A 43 13.41 9.91 3.65
C GLU A 43 13.18 9.43 5.08
N TYR A 44 13.00 8.13 5.27
CA TYR A 44 12.82 7.57 6.60
C TYR A 44 14.08 6.86 7.12
N GLY A 45 15.25 7.26 6.64
CA GLY A 45 16.50 6.73 7.16
C GLY A 45 16.68 5.23 6.99
N GLU A 46 16.29 4.69 5.84
CA GLU A 46 16.29 3.26 5.60
C GLU A 46 17.04 2.99 4.31
N ASP A 47 17.86 1.93 4.30
CA ASP A 47 18.69 1.65 3.14
C ASP A 47 18.04 0.58 2.28
N PRO A 48 17.66 0.89 1.04
CA PRO A 48 17.06 -0.15 0.18
C PRO A 48 18.03 -1.24 -0.22
N LYS A 49 19.34 -1.04 -0.03
CA LYS A 49 20.32 -2.06 -0.38
C LYS A 49 20.58 -3.03 0.76
N ILE A 50 20.23 -2.67 2.00
CA ILE A 50 20.38 -3.55 3.14
C ILE A 50 19.04 -4.04 3.67
N GLU A 51 18.00 -3.22 3.57
CA GLU A 51 16.64 -3.62 3.96
C GLU A 51 15.83 -3.88 2.69
N THR A 52 16.18 -4.98 2.02
CA THR A 52 15.70 -5.25 0.68
C THR A 52 14.30 -5.86 0.66
N ASN A 53 13.95 -6.66 1.66
CA ASN A 53 12.57 -7.14 1.77
C ASN A 53 11.62 -5.97 1.94
N LYS A 54 12.01 -4.98 2.76
CA LYS A 54 11.18 -3.79 2.92
C LYS A 54 11.16 -2.95 1.66
N PHE A 55 12.25 -2.97 0.88
CA PHE A 55 12.24 -2.38 -0.45
C PHE A 55 11.13 -3.00 -1.30
N ALA A 56 11.10 -4.34 -1.36
CA ALA A 56 10.05 -5.03 -2.09
C ALA A 56 8.67 -4.67 -1.57
N ALA A 57 8.54 -4.57 -0.24
CA ALA A 57 7.25 -4.30 0.38
C ALA A 57 6.75 -2.91 0.01
N THR A 58 7.63 -1.91 0.09
CA THR A 58 7.25 -0.55 -0.28
C THR A 58 6.83 -0.49 -1.74
N CYS A 59 7.59 -1.17 -2.62
CA CYS A 59 7.22 -1.18 -4.03
C CYS A 59 5.84 -1.82 -4.25
N THR A 60 5.59 -2.94 -3.57
CA THR A 60 4.32 -3.63 -3.73
C THR A 60 3.15 -2.78 -3.24
N HIS A 61 3.30 -2.18 -2.06
CA HIS A 61 2.27 -1.30 -1.52
C HIS A 61 2.01 -0.13 -2.45
N LEU A 62 3.07 0.44 -3.02
CA LEU A 62 2.92 1.55 -3.95
C LEU A 62 2.12 1.14 -5.19
N GLU A 63 2.49 0.00 -5.79
CA GLU A 63 1.78 -0.46 -6.97
C GLU A 63 0.33 -0.79 -6.67
N VAL A 64 0.06 -1.37 -5.50
CA VAL A 64 -1.32 -1.67 -5.12
C VAL A 64 -2.12 -0.38 -4.95
N CYS A 65 -1.51 0.64 -4.35
CA CYS A 65 -2.20 1.93 -4.21
C CYS A 65 -2.52 2.54 -5.56
N PHE A 66 -1.57 2.48 -6.50
CA PHE A 66 -1.80 3.07 -7.81
C PHE A 66 -2.90 2.31 -8.57
N MET A 67 -2.82 0.98 -8.58
CA MET A 67 -3.89 0.17 -9.16
C MET A 67 -5.24 0.51 -8.52
N TYR A 68 -5.25 0.65 -7.19
CA TYR A 68 -6.49 0.90 -6.46
C TYR A 68 -7.11 2.23 -6.86
N SER A 69 -6.28 3.26 -7.03
CA SER A 69 -6.80 4.55 -7.51
C SER A 69 -7.14 4.52 -8.99
N ASP A 70 -6.60 3.56 -9.75
CA ASP A 70 -6.96 3.45 -11.16
C ASP A 70 -8.34 2.84 -11.34
N GLY A 71 -8.79 2.01 -10.40
CA GLY A 71 -10.17 1.58 -10.40
C GLY A 71 -11.10 2.73 -10.10
N GLY A 72 -12.39 2.51 -10.37
CA GLY A 72 -13.36 3.56 -10.11
C GLY A 72 -13.33 4.67 -11.14
N SER A 73 -14.08 5.72 -10.84
CA SER A 73 -14.32 6.81 -11.78
C SER A 73 -13.06 7.65 -11.97
N LYS A 74 -13.22 8.73 -12.75
CA LYS A 74 -12.07 9.54 -13.17
C LYS A 74 -11.55 10.42 -12.04
N HIS A 75 -12.43 11.19 -11.40
CA HIS A 75 -12.05 12.13 -10.36
C HIS A 75 -12.18 11.56 -8.97
N ARG A 76 -12.31 10.23 -8.84
CA ARG A 76 -12.77 9.64 -7.59
C ARG A 76 -11.75 9.82 -6.47
N PHE A 77 -10.50 9.45 -6.71
CA PHE A 77 -9.52 9.31 -5.64
C PHE A 77 -8.49 10.44 -5.66
N GLU A 78 -7.96 10.73 -4.47
CA GLU A 78 -6.78 11.57 -4.31
C GLU A 78 -5.69 10.72 -3.69
N ILE A 79 -4.57 10.60 -4.39
CA ILE A 79 -3.48 9.74 -3.96
C ILE A 79 -2.63 10.47 -2.94
N ILE A 80 -2.42 9.85 -1.78
CA ILE A 80 -1.58 10.40 -0.72
C ILE A 80 -0.24 9.67 -0.65
N GLU A 81 -0.27 8.33 -0.67
CA GLU A 81 0.96 7.54 -0.72
C GLU A 81 1.77 7.92 -1.95
N GLY A 82 3.10 7.87 -1.81
CA GLY A 82 4.01 8.19 -2.88
C GLY A 82 4.57 9.59 -2.81
N ARG A 83 3.85 10.53 -2.23
CA ARG A 83 4.37 11.87 -2.04
C ARG A 83 5.34 11.89 -0.85
N ASP A 84 6.08 12.98 -0.73
CA ASP A 84 6.92 13.18 0.44
C ASP A 84 6.06 13.63 1.61
N ARG A 85 6.53 13.30 2.82
CA ARG A 85 5.77 13.53 4.05
C ARG A 85 5.08 14.88 4.09
N ILE A 86 5.82 15.94 3.75
CA ILE A 86 5.31 17.30 3.91
C ILE A 86 4.19 17.58 2.92
N MET A 87 4.40 17.29 1.63
CA MET A 87 3.38 17.56 0.63
C MET A 87 2.16 16.67 0.84
N ALA A 88 2.36 15.42 1.25
CA ALA A 88 1.24 14.55 1.56
C ALA A 88 0.40 15.11 2.71
N TRP A 89 1.06 15.57 3.77
CA TRP A 89 0.32 16.19 4.87
C TRP A 89 -0.37 17.47 4.44
N THR A 90 0.24 18.21 3.51
CA THR A 90 -0.41 19.41 2.99
C THR A 90 -1.70 19.07 2.25
N VAL A 91 -1.65 18.05 1.38
CA VAL A 91 -2.84 17.64 0.65
C VAL A 91 -3.89 17.11 1.61
N VAL A 92 -3.46 16.43 2.68
CA VAL A 92 -4.39 15.95 3.70
C VAL A 92 -5.08 17.14 4.39
N ASN A 93 -4.31 18.15 4.75
CA ASN A 93 -4.88 19.34 5.36
C ASN A 93 -5.89 20.00 4.44
N SER A 94 -5.59 20.04 3.13
CA SER A 94 -6.54 20.59 2.18
C SER A 94 -7.82 19.77 2.14
N ILE A 95 -7.70 18.44 2.09
CA ILE A 95 -8.88 17.57 2.09
C ILE A 95 -9.74 17.84 3.31
N CYS A 96 -9.11 17.96 4.48
CA CYS A 96 -9.87 18.16 5.72
C CYS A 96 -10.54 19.52 5.75
N ASN A 97 -9.79 20.58 5.45
CA ASN A 97 -10.36 21.92 5.42
C ASN A 97 -11.37 22.11 4.31
N THR A 98 -11.43 21.18 3.35
CA THR A 98 -12.39 21.24 2.25
C THR A 98 -13.68 20.49 2.57
N THR A 99 -13.56 19.26 3.06
CA THR A 99 -14.73 18.43 3.32
C THR A 99 -15.19 18.45 4.78
N GLY A 100 -14.35 18.92 5.69
CA GLY A 100 -14.68 18.88 7.10
C GLY A 100 -14.45 17.54 7.75
N VAL A 101 -13.59 16.71 7.19
CA VAL A 101 -13.31 15.39 7.72
C VAL A 101 -12.26 15.50 8.82
N GLU A 102 -12.42 14.68 9.87
CA GLU A 102 -11.46 14.64 10.95
C GLU A 102 -10.06 14.35 10.41
N LYS A 103 -9.09 15.14 10.85
CA LYS A 103 -7.73 15.02 10.36
C LYS A 103 -7.10 13.75 10.92
N PRO A 104 -6.73 12.78 10.08
CA PRO A 104 -6.18 11.52 10.60
C PRO A 104 -4.87 11.73 11.31
N LYS A 105 -4.66 10.96 12.39
CA LYS A 105 -3.44 11.10 13.18
C LYS A 105 -2.21 10.66 12.41
N PHE A 106 -2.34 9.64 11.57
CA PHE A 106 -1.23 9.13 10.77
C PHE A 106 -1.62 9.14 9.31
N LEU A 107 -0.61 9.29 8.44
CA LEU A 107 -0.82 9.47 7.01
C LEU A 107 -1.62 8.32 6.42
N PRO A 108 -2.78 8.57 5.81
CA PRO A 108 -3.46 7.52 5.05
C PRO A 108 -2.81 7.33 3.68
N ASP A 109 -3.45 6.54 2.83
CA ASP A 109 -2.97 6.29 1.48
C ASP A 109 -3.80 6.96 0.40
N LEU A 110 -5.12 6.94 0.52
CA LEU A 110 -5.99 7.53 -0.48
C LEU A 110 -7.05 8.40 0.21
N TYR A 111 -7.75 9.19 -0.60
CA TYR A 111 -9.01 9.79 -0.17
C TYR A 111 -10.07 9.55 -1.24
N ASP A 112 -11.21 9.04 -0.81
CA ASP A 112 -12.36 8.80 -1.67
C ASP A 112 -13.27 10.03 -1.62
N TYR A 113 -13.38 10.72 -2.76
CA TYR A 113 -14.29 11.85 -2.92
C TYR A 113 -15.74 11.40 -3.07
N LYS A 114 -15.98 10.16 -3.47
CA LYS A 114 -17.33 9.66 -3.67
C LYS A 114 -17.95 9.17 -2.36
N GLU A 115 -17.21 8.40 -1.58
CA GLU A 115 -17.64 8.02 -0.24
C GLU A 115 -17.14 8.99 0.83
N ASN A 116 -16.29 9.95 0.46
CA ASN A 116 -15.83 11.02 1.35
C ASN A 116 -15.15 10.46 2.59
N ARG A 117 -14.00 9.81 2.38
CA ARG A 117 -13.29 9.24 3.52
C ARG A 117 -11.88 8.84 3.10
N PHE A 118 -10.96 8.87 4.06
CA PHE A 118 -9.60 8.41 3.78
C PHE A 118 -9.55 6.89 3.75
N ILE A 119 -8.57 6.38 3.01
CA ILE A 119 -8.41 4.94 2.80
C ILE A 119 -6.98 4.54 3.17
N GLU A 120 -6.85 3.52 4.00
CA GLU A 120 -5.58 2.96 4.42
C GLU A 120 -5.44 1.57 3.79
N ILE A 121 -4.51 1.43 2.86
CA ILE A 121 -4.32 0.20 2.11
C ILE A 121 -3.23 -0.63 2.77
N GLY A 122 -3.54 -1.88 3.08
CA GLY A 122 -2.59 -2.80 3.71
C GLY A 122 -2.27 -3.96 2.78
N VAL A 123 -1.00 -4.38 2.80
CA VAL A 123 -0.54 -5.54 2.04
C VAL A 123 0.35 -6.34 2.98
N THR A 124 -0.10 -7.55 3.34
CA THR A 124 0.57 -8.35 4.35
C THR A 124 0.90 -9.74 3.80
N ARG A 125 1.96 -10.32 4.36
CA ARG A 125 2.32 -11.71 4.12
C ARG A 125 1.82 -12.63 5.22
N ARG A 126 1.09 -12.10 6.19
CA ARG A 126 0.51 -12.87 7.27
C ARG A 126 -1.00 -12.98 7.06
N GLU A 127 -1.68 -13.53 8.06
CA GLU A 127 -3.12 -13.69 7.99
C GLU A 127 -3.79 -12.33 8.01
N VAL A 128 -4.74 -12.12 7.09
CA VAL A 128 -5.35 -10.81 6.90
C VAL A 128 -6.05 -10.35 8.18
N HIS A 129 -6.71 -11.29 8.87
CA HIS A 129 -7.39 -10.96 10.12
C HIS A 129 -6.44 -10.28 11.10
N ILE A 130 -5.26 -10.87 11.30
CA ILE A 130 -4.28 -10.32 12.23
C ILE A 130 -3.86 -8.91 11.80
N TYR A 131 -3.53 -8.74 10.52
CA TYR A 131 -2.99 -7.47 10.06
C TYR A 131 -4.00 -6.34 10.22
N TYR A 132 -5.26 -6.61 9.87
CA TYR A 132 -6.29 -5.59 10.05
C TYR A 132 -6.54 -5.31 11.53
N LEU A 133 -6.51 -6.35 12.37
CA LEU A 133 -6.62 -6.11 13.81
C LEU A 133 -5.53 -5.14 14.28
N GLU A 134 -4.29 -5.39 13.87
CA GLU A 134 -3.17 -4.54 14.25
C GLU A 134 -3.37 -3.11 13.76
N LYS A 135 -3.67 -2.94 12.47
CA LYS A 135 -3.79 -1.60 11.90
C LYS A 135 -4.99 -0.85 12.46
N ALA A 136 -6.07 -1.56 12.77
CA ALA A 136 -7.25 -0.93 13.36
C ALA A 136 -6.97 -0.46 14.77
N ASN A 137 -6.22 -1.26 15.55
CA ASN A 137 -5.78 -0.79 16.85
C ASN A 137 -4.88 0.43 16.73
N LYS A 138 -3.95 0.40 15.77
CA LYS A 138 -3.01 1.51 15.61
C LYS A 138 -3.73 2.80 15.25
N ILE A 139 -4.63 2.74 14.27
CA ILE A 139 -5.35 3.94 13.84
C ILE A 139 -6.31 4.41 14.92
N LYS A 140 -7.09 3.49 15.49
CA LYS A 140 -8.06 3.76 16.55
C LYS A 140 -9.17 4.71 16.07
N SER A 141 -8.80 5.77 15.37
CA SER A 141 -9.77 6.69 14.78
C SER A 141 -10.71 5.96 13.83
N GLU A 142 -11.88 5.57 14.32
CA GLU A 142 -12.85 4.81 13.54
C GLU A 142 -13.54 5.63 12.47
N LYS A 143 -12.80 6.46 11.75
CA LYS A 143 -13.33 7.21 10.62
C LYS A 143 -12.68 6.83 9.29
N THR A 144 -11.45 6.34 9.32
CA THR A 144 -10.70 6.05 8.10
C THR A 144 -10.94 4.61 7.66
N HIS A 145 -11.32 4.43 6.40
CA HIS A 145 -11.57 3.10 5.88
C HIS A 145 -10.27 2.31 5.78
N ILE A 146 -10.39 0.99 5.96
CA ILE A 146 -9.24 0.10 6.05
C ILE A 146 -9.47 -1.06 5.10
N HIS A 147 -8.55 -1.27 4.15
CA HIS A 147 -8.67 -2.29 3.11
C HIS A 147 -7.34 -3.04 3.02
N ILE A 148 -7.35 -4.34 3.35
CA ILE A 148 -6.16 -5.18 3.35
C ILE A 148 -6.27 -6.15 2.20
N PHE A 149 -5.17 -6.33 1.47
CA PHE A 149 -4.99 -7.44 0.54
C PHE A 149 -3.91 -8.37 1.06
N SER A 150 -3.88 -9.57 0.50
CA SER A 150 -2.92 -10.60 0.89
C SER A 150 -2.26 -11.20 -0.34
N PHE A 151 -1.08 -11.78 -0.12
CA PHE A 151 -0.39 -12.49 -1.20
C PHE A 151 -1.04 -13.82 -1.53
N THR A 152 -1.91 -14.33 -0.67
CA THR A 152 -2.65 -15.55 -0.94
C THR A 152 -3.93 -15.31 -1.74
N GLY A 153 -4.37 -14.06 -1.85
CA GLY A 153 -5.58 -13.73 -2.59
C GLY A 153 -6.76 -13.32 -1.75
N GLU A 154 -6.57 -13.05 -0.46
CA GLU A 154 -7.64 -12.64 0.43
C GLU A 154 -7.63 -11.13 0.63
N GLU A 155 -8.80 -10.59 0.96
CA GLU A 155 -8.96 -9.16 1.17
C GLU A 155 -9.95 -8.93 2.30
N MET A 156 -9.89 -7.74 2.90
CA MET A 156 -10.79 -7.47 4.02
C MET A 156 -10.92 -5.97 4.18
N ALA A 157 -12.15 -5.47 4.16
CA ALA A 157 -12.41 -4.04 4.21
C ALA A 157 -13.34 -3.72 5.37
N THR A 158 -13.19 -2.51 5.90
CA THR A 158 -14.07 -2.01 6.96
C THR A 158 -15.53 -2.12 6.54
N LYS A 159 -16.37 -2.64 7.44
CA LYS A 159 -17.79 -2.85 7.19
C LYS A 159 -18.03 -3.87 6.10
N ALA A 160 -16.95 -4.40 5.51
CA ALA A 160 -17.01 -5.21 4.29
C ALA A 160 -17.59 -4.41 3.12
N ASP A 161 -17.29 -3.12 3.12
CA ASP A 161 -17.52 -2.23 1.98
C ASP A 161 -16.17 -2.12 1.29
N TYR A 162 -15.96 -2.94 0.25
CA TYR A 162 -14.67 -3.02 -0.40
C TYR A 162 -14.43 -1.91 -1.42
N THR A 163 -15.28 -0.87 -1.39
CA THR A 163 -15.05 0.39 -2.09
C THR A 163 -15.11 0.25 -3.61
N LEU A 164 -14.33 -0.65 -4.18
CA LEU A 164 -14.18 -0.73 -5.64
C LEU A 164 -14.94 -1.91 -6.22
N ASP A 165 -14.91 -1.97 -7.56
CA ASP A 165 -15.49 -3.07 -8.30
C ASP A 165 -14.81 -4.39 -7.93
N GLU A 166 -15.51 -5.50 -8.22
CA GLU A 166 -14.90 -6.81 -8.03
C GLU A 166 -13.75 -7.04 -9.00
N GLU A 167 -13.90 -6.55 -10.24
CA GLU A 167 -12.87 -6.76 -11.25
C GLU A 167 -11.58 -6.03 -10.88
N SER A 168 -11.71 -4.79 -10.41
CA SER A 168 -10.52 -4.01 -10.06
C SER A 168 -9.77 -4.64 -8.89
N ARG A 169 -10.51 -5.19 -7.91
CA ARG A 169 -9.86 -5.84 -6.78
C ARG A 169 -9.21 -7.15 -7.20
N ALA A 170 -9.88 -7.90 -8.09
CA ALA A 170 -9.30 -9.15 -8.58
C ALA A 170 -8.00 -8.90 -9.34
N ARG A 171 -7.94 -7.80 -10.09
CA ARG A 171 -6.69 -7.45 -10.75
C ARG A 171 -5.54 -7.31 -9.74
N ILE A 172 -5.80 -6.61 -8.63
CA ILE A 172 -4.78 -6.40 -7.61
C ILE A 172 -4.34 -7.72 -7.00
N LYS A 173 -5.31 -8.58 -6.66
CA LYS A 173 -4.94 -9.86 -6.04
C LYS A 173 -4.14 -10.73 -6.99
N THR A 174 -4.51 -10.72 -8.28
CA THR A 174 -3.76 -11.47 -9.28
C THR A 174 -2.32 -10.96 -9.37
N ARG A 175 -2.14 -9.64 -9.37
CA ARG A 175 -0.81 -9.07 -9.40
C ARG A 175 0.01 -9.50 -8.18
N LEU A 176 -0.64 -9.52 -7.01
CA LEU A 176 0.06 -9.93 -5.80
C LEU A 176 0.52 -11.38 -5.90
N PHE A 177 -0.34 -12.27 -6.38
CA PHE A 177 0.09 -13.66 -6.50
C PHE A 177 1.17 -13.84 -7.55
N THR A 178 1.15 -13.02 -8.61
CA THR A 178 2.23 -13.07 -9.60
C THR A 178 3.56 -12.67 -8.97
N ILE A 179 3.56 -11.60 -8.17
CA ILE A 179 4.77 -11.20 -7.45
C ILE A 179 5.26 -12.34 -6.56
N ARG A 180 4.33 -12.99 -5.85
CA ARG A 180 4.70 -14.07 -4.95
C ARG A 180 5.34 -15.23 -5.72
N GLN A 181 4.74 -15.62 -6.85
CA GLN A 181 5.30 -16.69 -7.66
C GLN A 181 6.68 -16.33 -8.17
N GLU A 182 6.86 -15.09 -8.64
CA GLU A 182 8.16 -14.69 -9.17
C GLU A 182 9.22 -14.71 -8.08
N MET A 183 8.85 -14.37 -6.85
CA MET A 183 9.80 -14.47 -5.74
C MET A 183 10.12 -15.92 -5.41
N ALA A 184 9.10 -16.78 -5.40
CA ALA A 184 9.30 -18.18 -5.05
C ALA A 184 10.20 -18.88 -6.05
N SER A 185 9.99 -18.63 -7.35
CA SER A 185 10.82 -19.24 -8.38
C SER A 185 12.29 -18.84 -8.27
N ARG A 186 12.59 -17.79 -7.51
CA ARG A 186 13.96 -17.34 -7.28
C ARG A 186 14.45 -17.66 -5.89
N SER A 187 13.61 -18.27 -5.04
CA SER A 187 13.93 -18.66 -3.67
C SER A 187 14.10 -17.48 -2.72
N LEU A 188 13.49 -16.33 -3.01
CA LEU A 188 13.44 -15.23 -2.06
C LEU A 188 12.12 -15.12 -1.32
N TRP A 189 11.18 -16.05 -1.54
CA TRP A 189 9.86 -15.89 -0.94
C TRP A 189 9.86 -16.26 0.54
N ASP A 190 10.57 -17.33 0.92
CA ASP A 190 10.62 -17.72 2.32
C ASP A 190 11.13 -16.57 3.18
N SER A 191 12.24 -15.95 2.75
CA SER A 191 12.79 -14.82 3.48
C SER A 191 11.83 -13.64 3.52
N PHE A 192 11.19 -13.35 2.39
CA PHE A 192 10.24 -12.24 2.35
C PHE A 192 9.11 -12.45 3.35
N ARG A 193 8.52 -13.64 3.33
CA ARG A 193 7.38 -13.92 4.21
C ARG A 193 7.80 -13.88 5.68
N GLN A 194 8.94 -14.51 6.01
CA GLN A 194 9.39 -14.49 7.40
C GLN A 194 9.96 -13.14 7.81
N SER A 195 10.12 -12.20 6.89
CA SER A 195 10.69 -10.91 7.25
C SER A 195 9.68 -9.97 7.90
N GLU A 196 8.39 -10.13 7.60
CA GLU A 196 7.37 -9.22 8.11
C GLU A 196 7.27 -9.25 9.63
MN MN B . -1.12 1.56 3.52
MN MN C . 0.81 4.86 3.39
C20 U9U D . 4.37 5.71 5.53
C21 U9U D . 5.78 6.09 5.99
C22 U9U D . 6.87 5.39 5.17
C23 U9U D . 6.71 5.15 3.81
C24 U9U D . 7.74 4.50 3.14
C26 U9U D . 9.02 4.34 5.05
C29 U9U D . 1.46 1.62 4.76
C02 U9U D . 1.24 0.15 4.78
C04 U9U D . 3.58 -0.16 5.69
C05 U9U D . 4.72 -1.05 6.19
C06 U9U D . 5.07 -0.48 7.56
C07 U9U D . 6.22 0.27 7.77
C08 U9U D . 7.21 0.58 6.65
C12 U9U D . 6.50 0.78 9.03
C13 U9U D . 5.63 0.53 10.09
C14 U9U D . 4.48 -0.21 9.88
C15 U9U D . 4.20 -0.72 8.62
C17 U9U D . 2.75 2.19 5.22
C18 U9U D . 2.96 3.70 5.19
C27 U9U D . 8.03 4.97 5.79
F09 U9U D . 8.25 1.30 7.16
F10 U9U D . 7.69 -0.59 6.14
F11 U9U D . 6.61 1.31 5.67
N03 U9U D . 2.29 -0.74 5.24
N16 U9U D . 3.80 1.31 5.67
N19 U9U D . 4.22 4.27 5.59
N25 U9U D . 8.83 4.12 3.77
O01 U9U D . 0.20 -0.30 4.42
O28 U9U D . 2.09 4.40 4.82
O30 U9U D . 0.45 2.49 4.32
C11 QQ4 E . 1.59 6.26 -16.17
C10 QQ4 E . 0.44 12.12 -11.03
C01 QQ4 E . 0.61 6.21 -14.99
C02 QQ4 E . 1.32 5.63 -13.77
C03 QQ4 E . 0.38 5.62 -12.56
C04 QQ4 E . 1.11 6.17 -11.33
C05 QQ4 E . 0.48 7.43 -10.74
C06 QQ4 E . 1.61 8.24 -10.07
C07 QQ4 E . 1.32 9.73 -9.84
C08 QQ4 E . 2.36 10.51 -10.65
C09 QQ4 E . 1.97 11.97 -10.95
C22 QQ4 E . -1.92 5.84 -15.34
C23 QQ4 E . -0.50 3.98 -15.76
C24 QQ4 E . -1.94 3.53 -16.03
C25 QQ4 E . -2.71 4.83 -16.17
C26 QQ4 E . -1.49 3.85 -12.31
C27 QQ4 E . -1.49 2.33 -12.49
C28 QQ4 E . -0.14 1.88 -11.93
C29 QQ4 E . 0.75 3.10 -12.11
C30 QQ4 E . 0.27 8.89 -12.91
C31 QQ4 E . -0.89 9.56 -13.62
C32 QQ4 E . -1.98 9.63 -12.58
C33 QQ4 E . -1.72 8.43 -11.68
C34 QQ4 E . 2.61 9.53 -7.59
C35 QQ4 E . 2.16 9.80 -6.15
C36 QQ4 E . 1.22 10.96 -6.23
C37 QQ4 E . 0.65 10.92 -7.61
C38 QQ4 E . 1.73 13.91 -9.24
C39 QQ4 E . 3.88 12.94 -9.46
C40 QQ4 E . 3.97 14.05 -8.43
C41 QQ4 E . 2.76 14.91 -8.71
N03 QQ4 E . -0.54 5.38 -15.35
N04 QQ4 E . -0.08 4.26 -12.34
N05 QQ4 E . -0.26 8.21 -11.72
N06 QQ4 E . 1.50 10.04 -8.44
N07 QQ4 E . 2.50 12.87 -9.94
O02 QQ4 E . 0.47 3.31 -15.87
O03 QQ4 E . 1.93 3.08 -12.06
O04 QQ4 E . 1.40 8.92 -13.25
O06 QQ4 E . -0.32 11.49 -7.98
O07 QQ4 E . 4.78 12.25 -9.81
S SO4 F . 14.83 -6.74 5.60
O1 SO4 F . 15.86 -7.09 6.58
O2 SO4 F . 15.33 -6.95 4.26
O3 SO4 F . 13.66 -7.58 5.82
O4 SO4 F . 14.45 -5.34 5.78
S SO4 G . -16.98 4.01 -9.66
O1 SO4 G . -16.08 4.91 -8.97
O2 SO4 G . -16.64 3.95 -11.07
O3 SO4 G . -18.36 4.49 -9.51
O4 SO4 G . -16.87 2.67 -9.08
#